data_3O8Q
#
_entry.id   3O8Q
#
_cell.length_a   56.871
_cell.length_b   63.146
_cell.length_c   136.842
_cell.angle_alpha   90.00
_cell.angle_beta   90.00
_cell.angle_gamma   90.00
#
_symmetry.space_group_name_H-M   'P 21 21 21'
#
loop_
_entity.id
_entity.type
_entity.pdbx_description
1 polymer 'Shikimate 5-dehydrogenase I alpha'
2 polymer 'Shikimate 5-dehydrogenase I alpha'
3 non-polymer 'SODIUM ION'
4 non-polymer 'SULFATE ION'
5 non-polymer '4-(2-HYDROXYETHYL)-1-PIPERAZINE ETHANESULFONIC ACID'
6 water water
#
loop_
_entity_poly.entity_id
_entity_poly.type
_entity_poly.pdbx_seq_one_letter_code
_entity_poly.pdbx_strand_id
1 'polypeptide(L)'
;SNAMASQIDQYAVFGNPINHSKSPFIHTLFARQTQQSMIYTAQCVPVDGFTEAAKHFFAQGGRGCNVTVPFKEEAYRFAD
RLTERARLAGAVNTLKKLDDGEILGDNTDGEGLVQDLLAQQVLLKGATILLIGAGGAARGVLKPLLDQQPASITVTNRTF
AKAEQLAELVAAYGEVKAQAFEQLKQSYDVIINSTSASLDGELPAIDPVIFSSRSVCYDMMYGKGYTVFNQWARQHGCAQ
AIDGLGMLVGQAAESFMLWRGLRPGTKQILRELRKNLEGAL
;
A
2 'polypeptide(L)'
;(PCA)IDQYAVFGNPINHSKSPFIHTLFARQTQQSMIYTAQCVPVDGFTEAAKHFFAQGGRGCNVTVPFKEEAYRFADRL
TERARLAGAVNTLKKLDDGEILGDNTDGEGLVQDLLAQQVLLKGATILLIGAGGAARGVLKPLLDQQPASITVTNRTFAK
AEQLAELVAAYGEVKAQAFEQLKQSYDVIINSTSASLDGELPAIDPVIFSSRSVCYDMMYGKGYTVFNQWARQHGCAQAI
DGLGMLVGQAAESFMLWRGLRPGTKQILRELRKNLEGAL
;
B
#
loop_
_chem_comp.id
_chem_comp.type
_chem_comp.name
_chem_comp.formula
EPE non-polymer '4-(2-HYDROXYETHYL)-1-PIPERAZINE ETHANESULFONIC ACID' 'C8 H18 N2 O4 S'
NA non-polymer 'SODIUM ION' 'Na 1'
SO4 non-polymer 'SULFATE ION' 'O4 S -2'
#
# COMPACT_ATOMS: atom_id res chain seq x y z
N ILE A 8 -1.62 15.87 4.77
CA ILE A 8 -1.29 14.77 3.81
C ILE A 8 -2.59 14.19 3.22
N ASP A 9 -2.83 14.52 1.95
CA ASP A 9 -4.03 14.07 1.21
C ASP A 9 -3.93 12.58 0.92
N GLN A 10 -5.01 11.84 1.16
N GLN A 10 -5.06 11.89 1.10
CA GLN A 10 -5.02 10.38 0.99
CA GLN A 10 -5.11 10.44 0.97
C GLN A 10 -5.67 9.91 -0.33
C GLN A 10 -5.67 9.95 -0.37
N TYR A 11 -4.92 9.07 -1.02
CA TYR A 11 -5.34 8.44 -2.30
C TYR A 11 -5.09 6.94 -2.15
N ALA A 12 -5.75 6.14 -2.96
CA ALA A 12 -5.57 4.70 -2.89
C ALA A 12 -5.90 4.02 -4.21
N VAL A 13 -5.50 2.76 -4.29
CA VAL A 13 -5.99 1.82 -5.27
C VAL A 13 -6.79 0.76 -4.53
N PHE A 14 -7.99 0.45 -5.04
CA PHE A 14 -8.84 -0.65 -4.54
C PHE A 14 -8.88 -1.77 -5.56
N GLY A 15 -8.64 -2.97 -5.07
CA GLY A 15 -8.63 -4.11 -5.93
C GLY A 15 -7.21 -4.37 -6.43
N ASN A 16 -7.05 -5.60 -6.88
CA ASN A 16 -5.86 -6.02 -7.57
C ASN A 16 -6.17 -7.41 -8.10
N PRO A 17 -6.27 -7.53 -9.43
CA PRO A 17 -6.60 -8.80 -10.06
C PRO A 17 -5.40 -9.74 -10.15
N ILE A 18 -4.22 -9.22 -9.81
CA ILE A 18 -2.97 -9.99 -9.78
C ILE A 18 -2.36 -9.91 -8.38
N ASN A 19 -1.25 -10.61 -8.17
N ASN A 19 -1.27 -10.62 -8.18
CA ASN A 19 -0.62 -10.69 -6.84
CA ASN A 19 -0.61 -10.69 -6.88
C ASN A 19 0.51 -9.70 -6.56
C ASN A 19 0.27 -9.50 -6.51
N HIS A 20 0.81 -8.84 -7.52
CA HIS A 20 1.79 -7.74 -7.31
C HIS A 20 1.23 -6.30 -7.57
N SER A 21 1.60 -5.35 -6.71
CA SER A 21 1.03 -3.98 -6.73
C SER A 21 1.96 -2.87 -7.24
N LYS A 22 1.68 -2.26 -8.40
CA LYS A 22 2.55 -1.18 -8.93
C LYS A 22 1.98 0.24 -8.79
N SER A 23 0.67 0.36 -8.60
CA SER A 23 0.09 1.70 -8.53
C SER A 23 0.63 2.57 -7.39
N PRO A 24 0.80 2.01 -6.18
CA PRO A 24 1.37 2.87 -5.13
C PRO A 24 2.78 3.33 -5.46
N PHE A 25 3.59 2.43 -6.01
CA PHE A 25 4.96 2.77 -6.46
C PHE A 25 4.91 3.95 -7.44
N ILE A 26 4.10 3.80 -8.48
CA ILE A 26 4.00 4.83 -9.52
C ILE A 26 3.54 6.19 -8.96
N HIS A 27 2.44 6.19 -8.23
CA HIS A 27 1.88 7.45 -7.72
C HIS A 27 2.75 8.09 -6.67
N THR A 28 3.40 7.27 -5.86
CA THR A 28 4.34 7.78 -4.86
C THR A 28 5.47 8.53 -5.57
N LEU A 29 5.94 7.98 -6.68
CA LEU A 29 6.99 8.67 -7.45
C LEU A 29 6.45 9.93 -8.18
N PHE A 30 5.25 9.87 -8.74
CA PHE A 30 4.66 11.07 -9.30
C PHE A 30 4.59 12.18 -8.21
N ALA A 31 4.21 11.82 -6.98
CA ALA A 31 4.10 12.78 -5.88
C ALA A 31 5.47 13.34 -5.51
N ARG A 32 6.49 12.48 -5.53
N ARG A 32 6.49 12.49 -5.53
CA ARG A 32 7.86 12.93 -5.29
CA ARG A 32 7.85 12.98 -5.26
C ARG A 32 8.32 13.93 -6.36
C ARG A 32 8.32 13.96 -6.35
N GLN A 33 8.08 13.62 -7.62
CA GLN A 33 8.47 14.47 -8.73
C GLN A 33 7.88 15.87 -8.63
N THR A 34 6.63 15.91 -8.22
CA THR A 34 5.85 17.17 -8.19
C THR A 34 5.66 17.74 -6.81
N GLN A 35 6.39 17.20 -5.84
N GLN A 35 6.35 17.14 -5.85
CA GLN A 35 6.36 17.66 -4.45
CA GLN A 35 6.36 17.59 -4.47
C GLN A 35 4.96 17.78 -3.84
C GLN A 35 4.97 17.79 -3.87
N GLN A 36 4.12 16.80 -4.11
CA GLN A 36 2.75 16.81 -3.58
C GLN A 36 2.67 16.16 -2.23
N SER A 37 2.00 16.85 -1.30
N SER A 37 1.98 16.85 -1.32
CA SER A 37 1.79 16.34 0.07
CA SER A 37 1.76 16.39 0.04
C SER A 37 0.62 15.38 0.05
C SER A 37 0.61 15.39 0.05
N MET A 38 0.94 14.17 -0.35
CA MET A 38 -0.05 13.11 -0.47
C MET A 38 0.55 11.77 -0.26
N ILE A 39 -0.34 10.81 -0.03
N ILE A 39 -0.34 10.81 -0.03
CA ILE A 39 0.03 9.42 0.16
CA ILE A 39 0.03 9.42 0.14
C ILE A 39 -0.94 8.59 -0.70
C ILE A 39 -0.93 8.63 -0.74
N TYR A 40 -0.40 7.58 -1.36
CA TYR A 40 -1.19 6.68 -2.20
C TYR A 40 -0.90 5.29 -1.74
N THR A 41 -1.92 4.63 -1.19
CA THR A 41 -1.73 3.28 -0.66
C THR A 41 -2.57 2.28 -1.42
N ALA A 42 -2.26 1.01 -1.28
CA ALA A 42 -3.15 -0.02 -1.73
C ALA A 42 -4.13 -0.31 -0.56
N GLN A 43 -5.42 -0.19 -0.83
CA GLN A 43 -6.48 -0.43 0.15
C GLN A 43 -7.22 -1.68 -0.27
N CYS A 44 -7.58 -2.49 0.73
CA CYS A 44 -8.28 -3.72 0.47
C CYS A 44 -9.77 -3.52 0.28
N VAL A 45 -10.33 -4.26 -0.65
CA VAL A 45 -11.77 -4.32 -0.73
C VAL A 45 -12.14 -5.32 0.39
N PRO A 46 -12.96 -4.90 1.35
CA PRO A 46 -13.35 -5.88 2.37
C PRO A 46 -14.32 -6.92 1.84
N VAL A 47 -14.58 -7.98 2.60
CA VAL A 47 -15.43 -9.09 2.07
C VAL A 47 -16.87 -8.68 1.74
N ASP A 48 -17.36 -7.58 2.32
CA ASP A 48 -18.71 -7.09 2.00
C ASP A 48 -18.76 -6.05 0.86
N GLY A 49 -17.66 -5.95 0.12
CA GLY A 49 -17.68 -5.23 -1.14
C GLY A 49 -17.08 -3.86 -1.32
N PHE A 50 -16.95 -3.54 -2.60
CA PHE A 50 -16.33 -2.28 -2.98
C PHE A 50 -17.12 -1.04 -2.61
N THR A 51 -18.41 -1.05 -2.87
CA THR A 51 -19.21 0.13 -2.56
C THR A 51 -19.05 0.58 -1.11
N GLU A 52 -19.15 -0.36 -0.18
CA GLU A 52 -18.97 -0.04 1.24
C GLU A 52 -17.56 0.51 1.52
N ALA A 53 -16.56 -0.11 0.90
CA ALA A 53 -15.16 0.33 1.04
C ALA A 53 -15.00 1.77 0.56
N ALA A 54 -15.60 2.07 -0.59
CA ALA A 54 -15.50 3.41 -1.18
C ALA A 54 -16.19 4.43 -0.29
N LYS A 55 -17.37 4.09 0.17
CA LYS A 55 -18.09 4.98 1.10
C LYS A 55 -17.26 5.36 2.31
N HIS A 56 -16.67 4.34 2.91
CA HIS A 56 -15.83 4.51 4.11
C HIS A 56 -14.60 5.36 3.79
N PHE A 57 -13.97 5.03 2.68
CA PHE A 57 -12.77 5.76 2.25
C PHE A 57 -13.01 7.24 2.10
N PHE A 58 -14.05 7.60 1.38
CA PHE A 58 -14.35 9.02 1.20
C PHE A 58 -14.85 9.71 2.48
N ALA A 59 -15.58 8.97 3.31
CA ALA A 59 -16.10 9.54 4.58
C ALA A 59 -14.96 9.86 5.54
N GLN A 60 -13.89 9.08 5.48
CA GLN A 60 -12.73 9.27 6.36
C GLN A 60 -11.67 10.22 5.82
N GLY A 61 -12.03 10.96 4.78
CA GLY A 61 -11.15 11.99 4.24
C GLY A 61 -10.41 11.69 2.94
N GLY A 62 -10.65 10.52 2.36
CA GLY A 62 -10.03 10.16 1.07
C GLY A 62 -10.37 11.17 -0.02
N ARG A 63 -9.39 11.46 -0.88
N ARG A 63 -9.40 11.44 -0.89
CA ARG A 63 -9.58 12.42 -1.96
CA ARG A 63 -9.58 12.41 -1.97
C ARG A 63 -9.81 11.78 -3.34
C ARG A 63 -9.78 11.80 -3.34
N GLY A 64 -9.24 10.62 -3.55
CA GLY A 64 -9.39 9.96 -4.80
C GLY A 64 -8.87 8.57 -4.73
N CYS A 65 -9.34 7.73 -5.66
CA CYS A 65 -8.83 6.38 -5.72
C CYS A 65 -8.94 5.77 -7.12
N ASN A 66 -8.02 4.87 -7.41
CA ASN A 66 -8.13 4.02 -8.57
C ASN A 66 -8.91 2.77 -8.19
N VAL A 67 -9.49 2.14 -9.20
CA VAL A 67 -10.28 0.92 -9.05
C VAL A 67 -9.84 -0.04 -10.12
N THR A 68 -9.60 -1.28 -9.74
CA THR A 68 -9.18 -2.27 -10.72
C THR A 68 -10.29 -3.24 -11.02
N VAL A 69 -10.07 -4.03 -12.06
N VAL A 69 -10.06 -4.02 -12.07
CA VAL A 69 -11.01 -5.09 -12.39
CA VAL A 69 -10.94 -5.13 -12.42
C VAL A 69 -11.05 -6.04 -11.18
C VAL A 69 -11.02 -6.08 -11.21
N PRO A 70 -12.20 -6.64 -10.90
CA PRO A 70 -13.49 -6.54 -11.59
C PRO A 70 -14.48 -5.57 -10.95
N PHE A 71 -13.98 -4.51 -10.35
CA PHE A 71 -14.81 -3.57 -9.63
C PHE A 71 -15.17 -2.30 -10.40
N LYS A 72 -14.74 -2.18 -11.66
CA LYS A 72 -14.90 -0.90 -12.41
C LYS A 72 -16.34 -0.54 -12.70
N GLU A 73 -17.18 -1.55 -12.91
CA GLU A 73 -18.60 -1.29 -13.18
C GLU A 73 -19.30 -0.84 -11.93
N GLU A 74 -18.93 -1.45 -10.81
CA GLU A 74 -19.45 -1.04 -9.54
C GLU A 74 -19.03 0.43 -9.25
N ALA A 75 -17.79 0.78 -9.59
CA ALA A 75 -17.31 2.16 -9.36
C ALA A 75 -18.10 3.14 -10.26
N TYR A 76 -18.44 2.70 -11.45
CA TYR A 76 -19.27 3.48 -12.38
C TYR A 76 -20.64 3.81 -11.75
N ARG A 77 -21.23 2.80 -11.12
CA ARG A 77 -22.51 3.02 -10.45
C ARG A 77 -22.37 3.88 -9.20
N PHE A 78 -21.23 3.75 -8.52
CA PHE A 78 -20.99 4.51 -7.28
C PHE A 78 -20.88 6.03 -7.52
N ALA A 79 -20.24 6.40 -8.61
CA ALA A 79 -19.99 7.80 -8.90
C ALA A 79 -21.26 8.61 -9.04
N ASP A 80 -21.21 9.86 -8.57
CA ASP A 80 -22.36 10.77 -8.75
C ASP A 80 -22.40 11.39 -10.13
N ARG A 81 -21.21 11.62 -10.70
N ARG A 81 -21.24 11.56 -10.74
CA ARG A 81 -21.02 12.22 -12.01
CA ARG A 81 -21.18 12.10 -12.09
C ARG A 81 -19.96 11.43 -12.77
C ARG A 81 -19.97 11.47 -12.78
N LEU A 82 -20.03 11.45 -14.09
CA LEU A 82 -19.08 10.75 -14.92
C LEU A 82 -18.50 11.61 -16.01
N THR A 83 -17.23 11.39 -16.32
CA THR A 83 -16.62 12.00 -17.48
C THR A 83 -17.17 11.32 -18.75
N GLU A 84 -17.00 11.99 -19.88
CA GLU A 84 -17.42 11.42 -21.14
C GLU A 84 -16.84 10.03 -21.35
N ARG A 85 -15.54 9.91 -21.15
CA ARG A 85 -14.87 8.62 -21.44
C ARG A 85 -15.32 7.53 -20.47
N ALA A 86 -15.62 7.90 -19.22
CA ALA A 86 -16.15 6.92 -18.30
C ALA A 86 -17.56 6.45 -18.68
N ARG A 87 -18.41 7.39 -19.05
CA ARG A 87 -19.77 7.07 -19.40
C ARG A 87 -19.77 6.13 -20.62
N LEU A 88 -18.95 6.46 -21.61
CA LEU A 88 -18.86 5.63 -22.81
C LEU A 88 -18.22 4.26 -22.55
N ALA A 89 -17.28 4.22 -21.63
CA ALA A 89 -16.59 2.95 -21.29
C ALA A 89 -17.50 2.01 -20.48
N GLY A 90 -18.48 2.57 -19.79
CA GLY A 90 -19.34 1.81 -18.89
C GLY A 90 -18.61 1.28 -17.69
N ALA A 91 -17.52 1.96 -17.35
CA ALA A 91 -16.63 1.47 -16.28
C ALA A 91 -15.77 2.62 -15.82
N VAL A 92 -15.46 2.64 -14.53
CA VAL A 92 -14.67 3.71 -13.93
C VAL A 92 -13.42 3.11 -13.28
N ASN A 93 -12.25 3.67 -13.59
CA ASN A 93 -11.00 3.24 -12.92
C ASN A 93 -10.44 4.30 -12.00
N THR A 94 -11.10 5.46 -11.94
CA THR A 94 -10.65 6.62 -11.19
C THR A 94 -11.82 7.38 -10.59
N LEU A 95 -11.81 7.53 -9.27
CA LEU A 95 -12.80 8.30 -8.55
C LEU A 95 -12.11 9.51 -7.93
N LYS A 96 -12.82 10.64 -7.88
CA LYS A 96 -12.29 11.89 -7.34
C LYS A 96 -13.37 12.60 -6.55
N LYS A 97 -13.05 12.96 -5.31
CA LYS A 97 -13.97 13.74 -4.50
C LYS A 97 -13.87 15.20 -4.89
N LEU A 98 -14.96 15.77 -5.36
CA LEU A 98 -14.96 17.18 -5.77
C LEU A 98 -15.11 18.11 -4.58
N ASP A 99 -14.91 19.40 -4.81
CA ASP A 99 -14.99 20.41 -3.72
C ASP A 99 -16.34 20.38 -2.98
N ASP A 100 -17.40 20.06 -3.71
CA ASP A 100 -18.78 19.99 -3.16
C ASP A 100 -19.15 18.63 -2.58
N GLY A 101 -18.18 17.70 -2.51
CA GLY A 101 -18.44 16.37 -1.96
C GLY A 101 -18.93 15.34 -2.96
N GLU A 102 -19.34 15.79 -4.15
CA GLU A 102 -19.74 14.85 -5.20
C GLU A 102 -18.54 14.02 -5.66
N ILE A 103 -18.81 12.79 -6.02
CA ILE A 103 -17.78 11.89 -6.48
C ILE A 103 -17.85 11.79 -7.99
N LEU A 104 -16.77 12.21 -8.63
CA LEU A 104 -16.59 12.11 -10.07
C LEU A 104 -15.93 10.79 -10.40
N GLY A 105 -16.47 10.11 -11.40
CA GLY A 105 -15.88 8.93 -11.97
C GLY A 105 -15.27 9.19 -13.33
N ASP A 106 -14.05 8.73 -13.53
CA ASP A 106 -13.33 8.85 -14.80
C ASP A 106 -12.80 7.45 -15.18
N ASN A 107 -12.33 7.33 -16.41
CA ASN A 107 -11.71 6.14 -16.93
C ASN A 107 -10.51 6.60 -17.74
N THR A 108 -9.32 6.33 -17.20
CA THR A 108 -8.08 6.80 -17.82
C THR A 108 -7.33 5.77 -18.63
N ASP A 109 -7.89 4.55 -18.72
CA ASP A 109 -7.21 3.42 -19.36
C ASP A 109 -6.93 3.73 -20.83
N GLY A 110 -7.94 4.16 -21.57
CA GLY A 110 -7.74 4.47 -22.99
C GLY A 110 -6.81 5.63 -23.27
N GLU A 111 -6.93 6.68 -22.49
CA GLU A 111 -6.04 7.81 -22.70
C GLU A 111 -4.58 7.44 -22.40
N GLY A 112 -4.39 6.57 -21.39
CA GLY A 112 -3.05 6.09 -21.08
C GLY A 112 -2.45 5.27 -22.23
N LEU A 113 -3.29 4.46 -22.87
CA LEU A 113 -2.89 3.74 -24.05
C LEU A 113 -2.48 4.69 -25.14
N VAL A 114 -3.33 5.67 -25.43
CA VAL A 114 -3.05 6.66 -26.45
C VAL A 114 -1.74 7.40 -26.21
N GLN A 115 -1.56 7.85 -24.98
CA GLN A 115 -0.34 8.60 -24.68
C GLN A 115 0.93 7.73 -24.78
N ASP A 116 0.83 6.46 -24.42
CA ASP A 116 1.98 5.55 -24.59
C ASP A 116 2.27 5.32 -26.08
N LEU A 117 1.23 5.13 -26.88
CA LEU A 117 1.43 4.95 -28.30
C LEU A 117 2.12 6.17 -28.88
N LEU A 118 1.62 7.35 -28.54
CA LEU A 118 2.22 8.62 -28.97
C LEU A 118 3.68 8.81 -28.47
N ALA A 119 3.94 8.37 -27.24
CA ALA A 119 5.31 8.44 -26.67
C ALA A 119 6.27 7.57 -27.47
N GLN A 120 5.73 6.51 -28.04
CA GLN A 120 6.51 5.58 -28.88
C GLN A 120 6.52 5.97 -30.35
N GLN A 121 6.04 7.18 -30.63
CA GLN A 121 6.03 7.75 -31.97
C GLN A 121 5.19 6.96 -32.98
N VAL A 122 4.09 6.40 -32.50
CA VAL A 122 3.16 5.70 -33.35
C VAL A 122 2.19 6.74 -33.91
N LEU A 123 2.04 6.74 -35.22
CA LEU A 123 1.10 7.64 -35.89
C LEU A 123 -0.31 7.04 -35.83
N LEU A 124 -1.24 7.76 -35.19
CA LEU A 124 -2.63 7.30 -35.07
C LEU A 124 -3.53 8.02 -36.07
N LYS A 125 -3.25 9.30 -36.30
CA LYS A 125 -4.06 10.09 -37.24
C LYS A 125 -4.00 9.50 -38.63
N GLY A 126 -5.17 9.13 -39.16
CA GLY A 126 -5.29 8.48 -40.49
C GLY A 126 -4.88 7.02 -40.59
N ALA A 127 -4.57 6.43 -39.44
CA ALA A 127 -4.11 5.05 -39.39
C ALA A 127 -5.26 4.06 -39.40
N THR A 128 -5.00 2.84 -39.87
CA THR A 128 -5.97 1.76 -39.74
C THR A 128 -5.58 1.00 -38.47
N ILE A 129 -6.56 0.77 -37.58
CA ILE A 129 -6.30 0.13 -36.32
C ILE A 129 -7.14 -1.11 -36.22
N LEU A 130 -6.49 -2.19 -35.79
CA LEU A 130 -7.16 -3.46 -35.46
C LEU A 130 -7.14 -3.61 -33.93
N LEU A 131 -8.33 -3.70 -33.34
CA LEU A 131 -8.48 -3.88 -31.90
C LEU A 131 -8.94 -5.31 -31.64
N ILE A 132 -8.05 -6.12 -31.06
CA ILE A 132 -8.35 -7.50 -30.76
C ILE A 132 -8.97 -7.62 -29.40
N GLY A 133 -10.16 -8.17 -29.37
CA GLY A 133 -10.95 -8.27 -28.16
C GLY A 133 -12.11 -7.29 -28.21
N ALA A 134 -13.17 -7.64 -27.51
CA ALA A 134 -14.40 -6.84 -27.51
C ALA A 134 -15.00 -6.79 -26.12
N GLY A 135 -14.13 -7.03 -25.12
CA GLY A 135 -14.49 -6.95 -23.72
C GLY A 135 -14.31 -5.56 -23.11
N GLY A 136 -14.34 -5.47 -21.77
CA GLY A 136 -14.22 -4.18 -21.08
C GLY A 136 -12.98 -3.40 -21.42
N ALA A 137 -11.86 -4.10 -21.56
CA ALA A 137 -10.59 -3.45 -21.90
C ALA A 137 -10.68 -2.77 -23.28
N ALA A 138 -11.23 -3.48 -24.26
CA ALA A 138 -11.45 -2.94 -25.59
C ALA A 138 -12.44 -1.76 -25.56
N ARG A 139 -13.55 -1.95 -24.87
CA ARG A 139 -14.58 -0.91 -24.82
C ARG A 139 -14.01 0.39 -24.27
N GLY A 140 -13.17 0.26 -23.28
CA GLY A 140 -12.63 1.45 -22.58
C GLY A 140 -11.71 2.28 -23.41
N VAL A 141 -11.07 1.69 -24.40
CA VAL A 141 -10.09 2.43 -25.17
C VAL A 141 -10.62 3.00 -26.49
N LEU A 142 -11.82 2.63 -26.88
CA LEU A 142 -12.34 3.07 -28.16
C LEU A 142 -12.49 4.57 -28.35
N LYS A 143 -13.21 5.25 -27.45
CA LYS A 143 -13.38 6.70 -27.64
C LYS A 143 -12.04 7.45 -27.61
N PRO A 144 -11.13 7.15 -26.68
CA PRO A 144 -9.84 7.86 -26.72
C PRO A 144 -9.07 7.61 -28.01
N LEU A 145 -9.15 6.42 -28.56
CA LEU A 145 -8.51 6.17 -29.89
C LEU A 145 -9.20 6.92 -31.01
N LEU A 146 -10.53 6.94 -30.99
CA LEU A 146 -11.29 7.61 -32.04
C LEU A 146 -11.04 9.12 -32.02
N ASP A 147 -10.78 9.67 -30.83
CA ASP A 147 -10.45 11.10 -30.68
C ASP A 147 -9.15 11.46 -31.40
N GLN A 148 -8.33 10.45 -31.71
CA GLN A 148 -7.04 10.67 -32.39
C GLN A 148 -7.18 10.62 -33.91
N GLN A 149 -8.42 10.54 -34.38
CA GLN A 149 -8.74 10.60 -35.80
C GLN A 149 -8.09 9.51 -36.66
N PRO A 150 -8.22 8.24 -36.28
CA PRO A 150 -7.75 7.22 -37.17
C PRO A 150 -8.64 7.13 -38.40
N ALA A 151 -8.13 6.53 -39.46
CA ALA A 151 -8.93 6.31 -40.64
C ALA A 151 -10.08 5.38 -40.27
N SER A 152 -9.77 4.33 -39.51
CA SER A 152 -10.74 3.36 -39.06
C SER A 152 -10.24 2.51 -37.93
N ILE A 153 -11.17 1.95 -37.16
CA ILE A 153 -10.88 0.94 -36.16
C ILE A 153 -11.74 -0.29 -36.43
N THR A 154 -11.07 -1.43 -36.54
CA THR A 154 -11.72 -2.72 -36.71
C THR A 154 -11.67 -3.51 -35.41
N VAL A 155 -12.84 -3.77 -34.85
CA VAL A 155 -12.98 -4.55 -33.65
C VAL A 155 -13.14 -6.01 -34.05
N THR A 156 -12.34 -6.88 -33.44
CA THR A 156 -12.41 -8.29 -33.72
C THR A 156 -12.47 -9.15 -32.44
N ASN A 157 -13.10 -10.30 -32.55
CA ASN A 157 -13.30 -11.20 -31.45
C ASN A 157 -13.50 -12.59 -32.05
N ARG A 158 -13.32 -13.62 -31.23
CA ARG A 158 -13.49 -15.03 -31.66
C ARG A 158 -14.87 -15.23 -32.30
N THR A 159 -15.88 -14.69 -31.62
CA THR A 159 -17.27 -14.68 -32.14
C THR A 159 -17.65 -13.24 -32.58
N PHE A 160 -18.17 -13.13 -33.80
CA PHE A 160 -18.53 -11.85 -34.44
C PHE A 160 -19.47 -10.94 -33.64
N ALA A 161 -20.54 -11.50 -33.10
CA ALA A 161 -21.56 -10.72 -32.35
C ALA A 161 -21.00 -9.75 -31.32
N LYS A 162 -20.11 -10.24 -30.46
CA LYS A 162 -19.56 -9.39 -29.40
C LYS A 162 -18.79 -8.19 -29.97
N ALA A 163 -18.10 -8.43 -31.08
CA ALA A 163 -17.37 -7.38 -31.78
C ALA A 163 -18.37 -6.42 -32.43
N GLU A 164 -19.43 -6.97 -33.05
CA GLU A 164 -20.46 -6.10 -33.68
C GLU A 164 -21.12 -5.20 -32.65
N GLN A 165 -21.41 -5.75 -31.48
CA GLN A 165 -22.09 -4.98 -30.41
C GLN A 165 -21.26 -3.78 -29.99
N LEU A 166 -19.95 -4.00 -29.85
N LEU A 166 -19.95 -4.00 -29.81
CA LEU A 166 -19.06 -2.92 -29.45
CA LEU A 166 -19.05 -2.88 -29.46
C LEU A 166 -18.93 -1.86 -30.56
C LEU A 166 -18.94 -1.84 -30.57
N ALA A 167 -18.82 -2.30 -31.81
CA ALA A 167 -18.73 -1.36 -32.94
C ALA A 167 -20.03 -0.51 -33.01
N GLU A 168 -21.17 -1.10 -32.69
CA GLU A 168 -22.47 -0.35 -32.70
C GLU A 168 -22.53 0.74 -31.65
N LEU A 169 -21.92 0.47 -30.52
CA LEU A 169 -21.89 1.43 -29.44
C LEU A 169 -21.18 2.74 -29.80
N VAL A 170 -20.10 2.60 -30.57
CA VAL A 170 -19.22 3.73 -30.92
C VAL A 170 -19.33 4.18 -32.36
N ALA A 171 -20.34 3.67 -33.05
CA ALA A 171 -20.52 3.94 -34.48
C ALA A 171 -20.64 5.43 -34.85
N ALA A 172 -21.21 6.24 -33.97
CA ALA A 172 -21.38 7.66 -34.26
C ALA A 172 -20.12 8.46 -34.11
N TYR A 173 -19.02 7.82 -33.65
CA TYR A 173 -17.80 8.58 -33.31
C TYR A 173 -16.71 8.50 -34.34
N GLY A 174 -16.88 7.64 -35.32
CA GLY A 174 -15.89 7.46 -36.37
C GLY A 174 -16.16 6.21 -37.17
N GLU A 175 -15.20 5.78 -37.98
CA GLU A 175 -15.40 4.60 -38.80
C GLU A 175 -14.98 3.40 -38.00
N VAL A 176 -15.96 2.64 -37.50
CA VAL A 176 -15.69 1.46 -36.66
C VAL A 176 -16.34 0.24 -37.28
N LYS A 177 -15.50 -0.72 -37.62
CA LYS A 177 -15.91 -1.97 -38.27
C LYS A 177 -15.82 -3.12 -37.29
N ALA A 178 -16.55 -4.20 -37.59
CA ALA A 178 -16.48 -5.43 -36.81
C ALA A 178 -16.20 -6.59 -37.75
N GLN A 179 -15.30 -7.45 -37.32
CA GLN A 179 -14.94 -8.65 -38.07
C GLN A 179 -14.59 -9.78 -37.10
N ALA A 180 -15.03 -10.99 -37.40
CA ALA A 180 -14.65 -12.16 -36.60
C ALA A 180 -13.18 -12.51 -36.95
N PHE A 181 -12.47 -13.12 -35.99
CA PHE A 181 -11.04 -13.52 -36.18
C PHE A 181 -10.78 -14.13 -37.56
N GLU A 182 -11.59 -15.12 -37.89
CA GLU A 182 -11.52 -15.87 -39.16
C GLU A 182 -11.62 -15.03 -40.46
N GLN A 183 -12.31 -13.88 -40.40
CA GLN A 183 -12.52 -12.99 -41.56
C GLN A 183 -11.34 -12.09 -41.88
N LEU A 184 -10.50 -11.86 -40.87
CA LEU A 184 -9.35 -10.95 -41.04
C LEU A 184 -8.41 -11.43 -42.16
N LYS A 185 -8.26 -10.59 -43.18
CA LYS A 185 -7.47 -10.95 -44.37
C LYS A 185 -6.67 -9.82 -45.03
N GLN A 186 -6.42 -8.76 -44.28
CA GLN A 186 -5.61 -7.64 -44.76
C GLN A 186 -4.74 -7.14 -43.60
N SER A 187 -3.74 -6.32 -43.92
CA SER A 187 -2.85 -5.80 -42.90
C SER A 187 -3.40 -4.49 -42.32
N TYR A 188 -2.88 -4.14 -41.14
CA TYR A 188 -3.28 -2.95 -40.39
C TYR A 188 -2.05 -2.18 -39.92
N ASP A 189 -2.19 -0.86 -39.85
CA ASP A 189 -1.10 0.02 -39.40
C ASP A 189 -0.76 -0.19 -37.95
N VAL A 190 -1.79 -0.34 -37.12
CA VAL A 190 -1.64 -0.49 -35.68
C VAL A 190 -2.55 -1.64 -35.22
N ILE A 191 -1.96 -2.62 -34.55
CA ILE A 191 -2.67 -3.77 -34.01
C ILE A 191 -2.59 -3.72 -32.49
N ILE A 192 -3.73 -3.73 -31.82
CA ILE A 192 -3.77 -3.66 -30.38
C ILE A 192 -4.44 -4.88 -29.77
N ASN A 193 -3.70 -5.63 -28.96
CA ASN A 193 -4.26 -6.77 -28.28
C ASN A 193 -4.80 -6.41 -26.89
N SER A 194 -6.10 -6.50 -26.71
CA SER A 194 -6.73 -6.19 -25.44
C SER A 194 -7.16 -7.44 -24.66
N THR A 195 -6.93 -8.60 -25.26
CA THR A 195 -7.37 -9.86 -24.67
C THR A 195 -6.35 -10.38 -23.70
N SER A 196 -6.84 -11.10 -22.71
CA SER A 196 -5.98 -11.71 -21.72
C SER A 196 -5.35 -12.95 -22.33
N ALA A 197 -4.29 -13.43 -21.68
CA ALA A 197 -3.62 -14.64 -22.15
C ALA A 197 -4.58 -15.85 -22.07
N SER A 198 -4.51 -16.72 -23.08
CA SER A 198 -5.33 -17.96 -23.13
C SER A 198 -4.55 -19.17 -22.63
N LEU A 203 -2.74 -18.60 -28.80
CA LEU A 203 -2.85 -17.41 -29.65
C LEU A 203 -4.18 -17.36 -30.38
N PRO A 204 -4.64 -16.15 -30.74
CA PRO A 204 -5.91 -16.05 -31.45
C PRO A 204 -5.83 -16.60 -32.87
N ALA A 205 -6.92 -17.26 -33.28
CA ALA A 205 -7.03 -17.88 -34.61
C ALA A 205 -7.15 -16.81 -35.68
N ILE A 206 -6.10 -16.01 -35.82
CA ILE A 206 -6.06 -14.92 -36.77
C ILE A 206 -4.93 -15.13 -37.76
N ASP A 207 -5.21 -14.79 -39.02
CA ASP A 207 -4.25 -14.90 -40.13
C ASP A 207 -3.15 -13.85 -39.92
N PRO A 208 -1.87 -14.28 -39.81
CA PRO A 208 -0.77 -13.35 -39.59
C PRO A 208 -0.54 -12.31 -40.70
N VAL A 209 -1.37 -12.35 -41.74
CA VAL A 209 -1.35 -11.30 -42.77
C VAL A 209 -1.68 -9.91 -42.13
N ILE A 210 -2.30 -9.91 -40.95
CA ILE A 210 -2.62 -8.63 -40.28
C ILE A 210 -1.35 -7.79 -40.05
N PHE A 211 -0.21 -8.48 -39.95
CA PHE A 211 1.08 -7.77 -39.75
C PHE A 211 1.82 -7.49 -41.05
N SER A 212 1.96 -6.19 -41.37
CA SER A 212 2.68 -5.70 -42.55
C SER A 212 4.07 -5.13 -42.17
N SER A 213 4.88 -4.83 -43.19
CA SER A 213 6.26 -4.32 -43.01
C SER A 213 6.35 -3.10 -42.09
N ARG A 214 5.30 -2.28 -42.11
CA ARG A 214 5.27 -1.04 -41.33
C ARG A 214 4.27 -1.08 -40.18
N SER A 215 3.71 -2.26 -39.90
CA SER A 215 2.73 -2.41 -38.79
C SER A 215 3.40 -2.27 -37.44
N VAL A 216 2.64 -1.73 -36.50
CA VAL A 216 3.04 -1.57 -35.12
C VAL A 216 2.06 -2.37 -34.30
N CYS A 217 2.59 -3.14 -33.36
N CYS A 217 2.57 -3.22 -33.40
CA CYS A 217 1.81 -4.02 -32.53
CA CYS A 217 1.67 -4.00 -32.55
C CYS A 217 1.92 -3.51 -31.09
C CYS A 217 1.89 -3.68 -31.08
N TYR A 218 0.77 -3.43 -30.41
CA TYR A 218 0.73 -3.05 -29.02
C TYR A 218 -0.03 -4.11 -28.24
N ASP A 219 0.60 -4.71 -27.25
CA ASP A 219 -0.01 -5.67 -26.38
C ASP A 219 -0.27 -4.99 -25.03
N MET A 220 -1.50 -5.12 -24.52
CA MET A 220 -1.84 -4.59 -23.20
C MET A 220 -1.16 -5.37 -22.07
N MET A 221 -0.85 -6.62 -22.36
CA MET A 221 -0.14 -7.45 -21.39
C MET A 221 1.33 -7.02 -21.36
N TYR A 222 1.96 -7.29 -20.23
CA TYR A 222 3.37 -6.97 -20.06
C TYR A 222 4.07 -8.02 -19.21
N GLY A 223 5.39 -8.03 -19.35
CA GLY A 223 6.22 -8.91 -18.55
C GLY A 223 7.67 -8.83 -18.94
N LYS A 224 8.46 -9.73 -18.39
CA LYS A 224 9.86 -9.77 -18.74
C LYS A 224 9.96 -10.29 -20.17
N GLY A 225 10.89 -9.71 -20.91
CA GLY A 225 11.13 -10.09 -22.30
C GLY A 225 9.93 -9.73 -23.15
N TYR A 226 9.56 -10.62 -24.08
CA TYR A 226 8.40 -10.37 -24.97
C TYR A 226 7.21 -11.21 -24.56
N THR A 227 6.02 -10.62 -24.65
CA THR A 227 4.79 -11.34 -24.32
C THR A 227 4.55 -12.40 -25.39
N VAL A 228 3.70 -13.37 -25.07
CA VAL A 228 3.38 -14.45 -26.01
C VAL A 228 2.83 -13.87 -27.29
N PHE A 229 1.95 -12.90 -27.18
CA PHE A 229 1.37 -12.25 -28.37
C PHE A 229 2.41 -11.46 -29.16
N ASN A 230 3.27 -10.73 -28.48
CA ASN A 230 4.27 -9.94 -29.18
C ASN A 230 5.36 -10.81 -29.84
N GLN A 231 5.63 -11.98 -29.25
CA GLN A 231 6.57 -12.94 -29.83
C GLN A 231 6.02 -13.38 -31.17
N TRP A 232 4.73 -13.71 -31.18
CA TRP A 232 4.00 -14.13 -32.39
C TRP A 232 4.04 -13.00 -33.43
N ALA A 233 3.71 -11.78 -33.01
CA ALA A 233 3.72 -10.64 -33.92
C ALA A 233 5.08 -10.46 -34.56
N ARG A 234 6.11 -10.52 -33.71
CA ARG A 234 7.50 -10.37 -34.16
C ARG A 234 7.92 -11.44 -35.17
N GLN A 235 7.61 -12.70 -34.85
CA GLN A 235 7.89 -13.84 -35.77
C GLN A 235 7.20 -13.68 -37.11
N HIS A 236 6.09 -12.95 -37.14
CA HIS A 236 5.35 -12.73 -38.38
C HIS A 236 5.58 -11.37 -39.04
N GLY A 237 6.69 -10.75 -38.68
CA GLY A 237 7.17 -9.53 -39.35
C GLY A 237 6.72 -8.17 -38.89
N CYS A 238 6.36 -8.06 -37.62
N CYS A 238 6.28 -8.04 -37.64
CA CYS A 238 5.92 -6.79 -37.05
CA CYS A 238 5.81 -6.73 -37.18
C CYS A 238 7.07 -5.77 -37.03
C CYS A 238 7.00 -5.77 -37.02
N ALA A 239 6.79 -4.54 -37.45
CA ALA A 239 7.83 -3.46 -37.46
C ALA A 239 8.27 -3.00 -36.05
N GLN A 240 7.42 -3.22 -35.07
CA GLN A 240 7.64 -2.81 -33.68
C GLN A 240 6.57 -3.42 -32.80
N ALA A 241 7.00 -4.04 -31.71
CA ALA A 241 6.12 -4.68 -30.73
C ALA A 241 6.34 -3.97 -29.39
N ILE A 242 5.25 -3.38 -28.91
CA ILE A 242 5.25 -2.60 -27.68
C ILE A 242 4.37 -3.36 -26.69
N ASP A 243 4.79 -3.38 -25.42
CA ASP A 243 4.01 -4.04 -24.40
C ASP A 243 3.23 -2.99 -23.59
N GLY A 244 2.45 -3.45 -22.64
CA GLY A 244 1.52 -2.59 -21.94
C GLY A 244 2.01 -1.84 -20.71
N LEU A 245 3.31 -1.97 -20.39
CA LEU A 245 3.81 -1.33 -19.20
C LEU A 245 3.58 0.18 -19.25
N GLY A 246 3.82 0.79 -20.41
CA GLY A 246 3.62 2.21 -20.67
C GLY A 246 2.17 2.67 -20.53
N MET A 247 1.24 1.78 -20.87
CA MET A 247 -0.20 2.05 -20.68
C MET A 247 -0.52 2.15 -19.18
N LEU A 248 0.09 1.26 -18.39
CA LEU A 248 -0.10 1.31 -16.94
C LEU A 248 0.35 2.67 -16.38
N VAL A 249 1.53 3.09 -16.76
CA VAL A 249 2.05 4.38 -16.28
C VAL A 249 1.25 5.53 -16.85
N GLY A 250 0.86 5.44 -18.12
CA GLY A 250 0.09 6.49 -18.76
C GLY A 250 -1.27 6.68 -18.12
N GLN A 251 -1.98 5.59 -17.84
N GLN A 251 -1.97 5.59 -17.84
CA GLN A 251 -3.31 5.73 -17.21
CA GLN A 251 -3.30 5.68 -17.23
C GLN A 251 -3.13 6.35 -15.84
C GLN A 251 -3.17 6.29 -15.83
N ALA A 252 -2.09 5.90 -15.12
CA ALA A 252 -1.81 6.45 -13.80
C ALA A 252 -1.58 7.96 -13.89
N ALA A 253 -0.79 8.38 -14.86
CA ALA A 253 -0.48 9.82 -15.03
C ALA A 253 -1.76 10.63 -15.28
N GLU A 254 -2.69 10.07 -16.04
CA GLU A 254 -3.98 10.76 -16.30
C GLU A 254 -4.77 10.88 -15.02
N SER A 255 -4.75 9.83 -14.20
CA SER A 255 -5.44 9.90 -12.90
C SER A 255 -4.82 10.98 -12.01
N PHE A 256 -3.50 10.98 -11.96
CA PHE A 256 -2.76 11.95 -11.17
C PHE A 256 -3.05 13.38 -11.61
N MET A 257 -3.08 13.60 -12.93
CA MET A 257 -3.41 14.93 -13.45
C MET A 257 -4.82 15.34 -13.04
N LEU A 258 -5.76 14.41 -13.10
CA LEU A 258 -7.13 14.71 -12.67
C LEU A 258 -7.17 15.14 -11.22
N TRP A 259 -6.48 14.40 -10.36
CA TRP A 259 -6.51 14.68 -8.93
C TRP A 259 -5.72 15.92 -8.48
N ARG A 260 -4.56 16.12 -9.08
CA ARG A 260 -3.60 17.13 -8.63
C ARG A 260 -3.40 18.32 -9.57
N GLY A 261 -3.83 18.18 -10.83
CA GLY A 261 -3.69 19.25 -11.85
C GLY A 261 -2.27 19.48 -12.32
N LEU A 262 -1.39 18.51 -12.05
CA LEU A 262 -0.01 18.58 -12.46
C LEU A 262 0.32 17.35 -13.30
N ARG A 263 1.07 17.54 -14.37
CA ARG A 263 1.49 16.42 -15.22
C ARG A 263 2.85 15.92 -14.77
N PRO A 264 2.92 14.65 -14.37
CA PRO A 264 4.20 14.09 -13.94
C PRO A 264 5.03 13.56 -15.14
N GLY A 265 6.21 13.03 -14.82
CA GLY A 265 7.15 12.52 -15.80
C GLY A 265 6.96 11.04 -15.94
N THR A 266 6.27 10.63 -16.98
CA THR A 266 5.95 9.24 -17.16
C THR A 266 7.12 8.37 -17.59
N LYS A 267 7.93 8.90 -18.51
N LYS A 267 7.90 8.89 -18.54
CA LYS A 267 9.02 8.11 -19.09
CA LYS A 267 9.00 8.14 -19.11
C LYS A 267 10.02 7.64 -18.05
C LYS A 267 10.04 7.67 -18.08
N GLN A 268 10.37 8.53 -17.12
CA GLN A 268 11.38 8.19 -16.11
C GLN A 268 10.87 7.19 -15.08
N ILE A 269 9.55 7.06 -14.98
CA ILE A 269 8.94 6.06 -14.09
C ILE A 269 8.81 4.72 -14.85
N LEU A 270 8.41 4.78 -16.12
CA LEU A 270 8.36 3.60 -16.95
C LEU A 270 9.73 2.92 -17.00
N ARG A 271 10.79 3.73 -17.10
CA ARG A 271 12.17 3.19 -17.14
C ARG A 271 12.49 2.40 -15.89
N GLU A 272 12.09 2.93 -14.73
N GLU A 272 12.05 2.96 -14.76
CA GLU A 272 12.35 2.22 -13.47
CA GLU A 272 12.26 2.37 -13.43
C GLU A 272 11.51 0.95 -13.35
C GLU A 272 11.45 1.08 -13.21
N LEU A 273 10.26 1.01 -13.80
CA LEU A 273 9.45 -0.21 -13.74
C LEU A 273 10.05 -1.29 -14.61
N ARG A 274 10.55 -0.90 -15.75
CA ARG A 274 11.19 -1.84 -16.66
C ARG A 274 12.44 -2.44 -16.00
N LYS A 275 13.24 -1.61 -15.31
CA LYS A 275 14.41 -2.13 -14.60
C LYS A 275 14.01 -3.14 -13.54
N ASN A 276 12.88 -2.94 -12.88
CA ASN A 276 12.40 -3.83 -11.83
C ASN A 276 11.93 -5.16 -12.42
N LEU A 277 11.30 -5.10 -13.59
CA LEU A 277 10.83 -6.31 -14.29
C LEU A 277 12.00 -7.18 -14.72
N GLU A 278 13.08 -6.51 -15.10
CA GLU A 278 14.29 -7.21 -15.58
C GLU A 278 15.26 -7.59 -14.43
N GLY A 279 14.81 -7.42 -13.18
CA GLY A 279 15.58 -7.84 -11.97
C GLY A 279 15.99 -6.88 -10.83
N ALA A 280 15.71 -5.58 -10.97
CA ALA A 280 16.08 -4.56 -9.94
C ALA A 280 17.56 -4.62 -9.51
N LEU A 281 18.42 -4.80 -10.50
CA LEU A 281 19.84 -5.04 -10.32
C LEU A 281 20.68 -3.80 -10.02
N PCA B 1 19.20 3.23 -7.21
CA PCA B 1 18.17 4.21 -7.00
CB PCA B 1 18.07 5.06 -8.25
CG PCA B 1 19.36 4.85 -8.99
CD PCA B 1 19.87 3.58 -8.38
OE PCA B 1 20.81 2.90 -8.79
C PCA B 1 16.84 3.58 -6.70
O PCA B 1 16.46 2.53 -7.22
N ILE B 2 16.11 4.25 -5.83
CA ILE B 2 14.75 3.83 -5.53
C ILE B 2 14.59 2.37 -5.08
N ASP B 3 15.42 1.95 -4.14
CA ASP B 3 15.25 0.63 -3.53
C ASP B 3 13.86 0.54 -2.91
N GLN B 4 13.21 -0.61 -3.05
CA GLN B 4 11.81 -0.79 -2.64
C GLN B 4 11.63 -1.36 -1.23
N TYR B 5 10.80 -0.64 -0.49
CA TYR B 5 10.40 -0.99 0.86
C TYR B 5 8.87 -0.81 0.95
N ALA B 6 8.24 -1.51 1.88
CA ALA B 6 6.79 -1.39 2.05
C ALA B 6 6.36 -1.76 3.47
N VAL B 7 5.12 -1.46 3.77
CA VAL B 7 4.46 -2.00 4.95
C VAL B 7 3.26 -2.80 4.47
N PHE B 8 3.11 -3.99 5.02
CA PHE B 8 2.00 -4.88 4.74
C PHE B 8 1.18 -5.07 5.99
N GLY B 9 -0.13 -4.98 5.86
CA GLY B 9 -1.03 -5.09 7.00
C GLY B 9 -2.47 -5.10 6.52
N ASN B 10 -3.40 -5.19 7.49
CA ASN B 10 -4.82 -5.12 7.15
C ASN B 10 -5.59 -4.66 8.36
N PRO B 11 -6.36 -3.58 8.24
CA PRO B 11 -6.61 -2.79 7.00
C PRO B 11 -5.61 -1.68 6.62
N ILE B 12 -4.75 -1.31 7.54
CA ILE B 12 -3.80 -0.16 7.31
C ILE B 12 -4.41 0.95 6.45
N ASN B 13 -5.51 1.48 6.95
N ASN B 13 -5.51 1.46 6.98
CA ASN B 13 -6.30 2.50 6.25
CA ASN B 13 -6.33 2.52 6.36
C ASN B 13 -5.81 3.96 6.36
C ASN B 13 -5.68 3.89 6.28
N HIS B 14 -4.94 4.24 7.33
CA HIS B 14 -4.32 5.60 7.47
C HIS B 14 -2.83 5.53 7.85
N SER B 15 -2.09 4.78 7.03
CA SER B 15 -0.66 4.57 7.32
C SER B 15 0.18 5.83 7.24
N LYS B 16 1.06 5.99 8.20
N LYS B 16 1.01 5.95 8.28
CA LYS B 16 1.97 7.12 8.22
CA LYS B 16 1.98 7.04 8.48
C LYS B 16 3.37 6.70 7.78
C LYS B 16 3.41 6.64 8.11
N SER B 17 3.62 5.38 7.77
CA SER B 17 4.97 4.86 7.45
C SER B 17 5.58 5.39 6.14
N PRO B 18 4.80 5.52 5.05
CA PRO B 18 5.43 6.06 3.85
C PRO B 18 6.05 7.45 4.08
N PHE B 19 5.33 8.31 4.79
CA PHE B 19 5.85 9.65 5.13
C PHE B 19 7.11 9.55 6.00
N ILE B 20 7.05 8.70 7.03
CA ILE B 20 8.17 8.55 7.95
C ILE B 20 9.44 8.17 7.19
N HIS B 21 9.35 7.10 6.41
CA HIS B 21 10.53 6.58 5.73
C HIS B 21 11.03 7.45 4.61
N THR B 22 10.11 8.16 3.96
CA THR B 22 10.49 9.14 2.95
C THR B 22 11.41 10.19 3.58
N LEU B 23 10.98 10.72 4.72
CA LEU B 23 11.80 11.74 5.42
C LEU B 23 13.12 11.13 5.93
N PHE B 24 13.07 9.94 6.51
CA PHE B 24 14.26 9.28 6.93
C PHE B 24 15.27 9.24 5.75
N ALA B 25 14.80 8.75 4.63
CA ALA B 25 15.67 8.52 3.46
C ALA B 25 16.24 9.81 2.96
N ARG B 26 15.44 10.88 2.92
N ARG B 26 15.40 10.85 2.93
CA ARG B 26 15.97 12.17 2.46
CA ARG B 26 15.79 12.20 2.51
C ARG B 26 17.03 12.65 3.43
C ARG B 26 16.92 12.72 3.41
N GLN B 27 16.75 12.52 4.71
CA GLN B 27 17.70 12.98 5.72
C GLN B 27 19.04 12.27 5.65
N THR B 28 19.02 10.97 5.38
CA THR B 28 20.19 10.14 5.44
C THR B 28 20.78 9.79 4.08
N GLN B 29 20.28 10.46 3.06
CA GLN B 29 20.79 10.28 1.69
C GLN B 29 20.67 8.88 1.13
N GLN B 30 19.59 8.20 1.48
CA GLN B 30 19.27 6.91 0.94
C GLN B 30 18.28 7.08 -0.21
N SER B 31 18.51 6.33 -1.27
CA SER B 31 17.63 6.38 -2.43
C SER B 31 16.68 5.21 -2.37
N MET B 32 15.45 5.50 -1.97
CA MET B 32 14.48 4.43 -1.68
C MET B 32 13.07 4.95 -1.74
N ILE B 33 12.14 4.02 -1.86
CA ILE B 33 10.73 4.29 -1.89
C ILE B 33 10.07 3.38 -0.87
N TYR B 34 9.04 3.88 -0.21
CA TYR B 34 8.30 3.11 0.78
C TYR B 34 6.82 3.32 0.55
N THR B 35 6.11 2.21 0.33
CA THR B 35 4.66 2.24 0.09
C THR B 35 3.89 1.38 1.10
N ALA B 36 2.65 1.76 1.35
CA ALA B 36 1.73 1.04 2.24
C ALA B 36 0.79 0.19 1.40
N GLN B 37 0.71 -1.08 1.74
N GLN B 37 0.80 -1.11 1.69
CA GLN B 37 -0.06 -2.05 0.95
CA GLN B 37 0.03 -2.11 0.95
C GLN B 37 -0.89 -2.99 1.79
C GLN B 37 -0.88 -2.93 1.88
N CYS B 38 -2.18 -2.72 1.78
CA CYS B 38 -3.15 -3.56 2.47
C CYS B 38 -3.17 -4.84 1.68
N VAL B 39 -3.23 -5.96 2.39
CA VAL B 39 -3.24 -7.29 1.80
C VAL B 39 -4.43 -7.98 2.43
N PRO B 40 -5.21 -8.76 1.63
CA PRO B 40 -6.31 -9.48 2.26
C PRO B 40 -5.81 -10.40 3.37
N VAL B 41 -6.68 -10.76 4.30
CA VAL B 41 -6.20 -11.51 5.48
C VAL B 41 -5.63 -12.89 5.18
N ASP B 42 -5.98 -13.43 4.03
CA ASP B 42 -5.48 -14.72 3.55
C ASP B 42 -4.33 -14.63 2.54
N GLY B 43 -3.84 -13.42 2.31
CA GLY B 43 -2.86 -13.21 1.23
C GLY B 43 -1.45 -12.78 1.57
N PHE B 44 -1.12 -12.74 2.85
CA PHE B 44 0.21 -12.18 3.22
C PHE B 44 1.42 -12.90 2.60
N THR B 45 1.48 -14.22 2.75
CA THR B 45 2.64 -14.96 2.26
C THR B 45 2.86 -14.78 0.75
N GLU B 46 1.78 -14.85 -0.02
CA GLU B 46 1.91 -14.68 -1.48
C GLU B 46 2.30 -13.24 -1.83
N ALA B 47 1.75 -12.28 -1.11
CA ALA B 47 2.11 -10.86 -1.31
C ALA B 47 3.58 -10.60 -1.05
N ALA B 48 4.07 -11.15 0.06
CA ALA B 48 5.46 -10.96 0.45
C ALA B 48 6.39 -11.63 -0.55
N LYS B 49 6.05 -12.85 -0.95
N LYS B 49 6.04 -12.86 -0.95
CA LYS B 49 6.85 -13.57 -1.94
CA LYS B 49 6.83 -13.58 -1.95
C LYS B 49 6.99 -12.78 -3.23
C LYS B 49 6.99 -12.76 -3.22
N HIS B 50 5.88 -12.22 -3.71
CA HIS B 50 5.90 -11.43 -4.94
C HIS B 50 6.62 -10.09 -4.78
N PHE B 51 6.49 -9.50 -3.60
CA PHE B 51 7.21 -8.25 -3.33
C PHE B 51 8.71 -8.46 -3.45
N PHE B 52 9.21 -9.50 -2.81
CA PHE B 52 10.64 -9.82 -2.84
C PHE B 52 11.10 -10.30 -4.20
N ALA B 53 10.23 -11.01 -4.89
CA ALA B 53 10.56 -11.54 -6.24
C ALA B 53 10.77 -10.41 -7.24
N GLN B 54 10.06 -9.32 -7.04
CA GLN B 54 10.05 -8.13 -7.92
C GLN B 54 11.06 -7.08 -7.47
N GLY B 55 11.97 -7.49 -6.58
CA GLY B 55 13.08 -6.64 -6.17
C GLY B 55 13.02 -5.96 -4.82
N GLY B 56 11.97 -6.23 -4.05
CA GLY B 56 11.83 -5.62 -2.71
C GLY B 56 13.05 -5.87 -1.83
N ARG B 57 13.41 -4.87 -1.03
CA ARG B 57 14.57 -5.02 -0.16
C ARG B 57 14.22 -5.25 1.31
N GLY B 58 13.04 -4.85 1.67
CA GLY B 58 12.58 -4.98 3.03
C GLY B 58 11.15 -4.51 3.24
N CYS B 59 10.53 -4.93 4.32
CA CYS B 59 9.17 -4.46 4.60
C CYS B 59 8.86 -4.54 6.08
N ASN B 60 8.05 -3.60 6.51
CA ASN B 60 7.39 -3.74 7.81
C ASN B 60 6.15 -4.60 7.64
N VAL B 61 5.77 -5.24 8.74
CA VAL B 61 4.61 -6.10 8.80
C VAL B 61 3.86 -5.67 10.04
N THR B 62 2.56 -5.39 9.88
N THR B 62 2.59 -5.38 9.83
CA THR B 62 1.73 -4.96 11.00
CA THR B 62 1.73 -5.02 10.92
C THR B 62 0.54 -5.95 11.19
C THR B 62 0.69 -6.11 11.06
N VAL B 63 -0.32 -5.75 12.20
N VAL B 63 -0.24 -5.80 11.97
CA VAL B 63 -1.42 -6.70 12.38
CA VAL B 63 -1.39 -6.61 12.26
C VAL B 63 -2.20 -6.83 11.05
C VAL B 63 -2.15 -6.83 10.96
N PRO B 64 -2.70 -8.03 10.75
CA PRO B 64 -2.69 -9.21 11.61
C PRO B 64 -1.63 -10.23 11.18
N PHE B 65 -0.53 -9.76 10.60
CA PHE B 65 0.40 -10.67 9.92
C PHE B 65 1.73 -10.94 10.63
N LYS B 66 1.91 -10.44 11.85
CA LYS B 66 3.23 -10.53 12.48
C LYS B 66 3.69 -11.95 12.79
N GLU B 67 2.74 -12.80 13.18
CA GLU B 67 3.10 -14.21 13.44
C GLU B 67 3.38 -14.95 12.13
N GLU B 68 2.60 -14.65 11.10
CA GLU B 68 2.80 -15.25 9.79
C GLU B 68 4.17 -14.82 9.23
N ALA B 69 4.57 -13.56 9.47
CA ALA B 69 5.89 -13.07 9.04
C ALA B 69 7.02 -13.80 9.75
N TYR B 70 6.78 -14.16 11.01
CA TYR B 70 7.74 -14.96 11.79
C TYR B 70 7.96 -16.30 11.10
N ARG B 71 6.89 -16.92 10.60
CA ARG B 71 6.99 -18.19 9.88
C ARG B 71 7.63 -18.03 8.49
N PHE B 72 7.33 -16.91 7.83
CA PHE B 72 7.84 -16.65 6.51
C PHE B 72 9.38 -16.49 6.47
N ALA B 73 9.91 -15.79 7.47
CA ALA B 73 11.33 -15.49 7.52
C ALA B 73 12.17 -16.76 7.45
N ASP B 74 13.27 -16.69 6.71
CA ASP B 74 14.24 -17.80 6.65
C ASP B 74 15.01 -17.92 7.97
N ARG B 75 15.31 -16.77 8.57
CA ARG B 75 16.02 -16.71 9.82
C ARG B 75 15.48 -15.57 10.66
N LEU B 76 15.55 -15.74 11.97
CA LEU B 76 15.07 -14.77 12.95
C LEU B 76 16.15 -14.21 13.81
N THR B 77 16.08 -12.91 14.10
CA THR B 77 16.94 -12.36 15.11
C THR B 77 16.51 -12.90 16.49
N GLU B 78 17.41 -12.82 17.47
N GLU B 78 17.41 -12.84 17.46
CA GLU B 78 17.11 -13.26 18.82
CA GLU B 78 17.05 -13.32 18.78
C GLU B 78 15.92 -12.53 19.38
C GLU B 78 15.90 -12.52 19.40
N ARG B 79 15.85 -11.21 19.17
CA ARG B 79 14.73 -10.45 19.73
C ARG B 79 13.39 -10.84 19.06
N ALA B 80 13.39 -11.17 17.77
CA ALA B 80 12.18 -11.64 17.12
C ALA B 80 11.80 -13.03 17.61
N ARG B 81 12.79 -13.89 17.83
CA ARG B 81 12.50 -15.22 18.30
C ARG B 81 11.82 -15.13 19.67
N LEU B 82 12.37 -14.29 20.54
CA LEU B 82 11.78 -14.08 21.89
C LEU B 82 10.38 -13.47 21.80
N ALA B 83 10.21 -12.49 20.89
CA ALA B 83 8.94 -11.80 20.69
C ALA B 83 7.84 -12.70 20.12
N GLY B 84 8.23 -13.76 19.42
CA GLY B 84 7.27 -14.66 18.80
C GLY B 84 6.54 -14.06 17.60
N ALA B 85 7.10 -12.99 17.04
CA ALA B 85 6.45 -12.23 15.97
C ALA B 85 7.48 -11.35 15.31
N VAL B 86 7.25 -11.07 14.03
CA VAL B 86 8.16 -10.28 13.22
C VAL B 86 7.44 -9.08 12.66
N ASN B 87 8.02 -7.88 12.86
CA ASN B 87 7.47 -6.67 12.25
C ASN B 87 8.36 -6.06 11.19
N THR B 88 9.47 -6.70 10.91
CA THR B 88 10.44 -6.20 9.94
C THR B 88 11.08 -7.37 9.23
N LEU B 89 10.98 -7.37 7.91
CA LEU B 89 11.66 -8.37 7.08
C LEU B 89 12.73 -7.65 6.28
N LYS B 90 13.87 -8.30 6.08
CA LYS B 90 14.93 -7.73 5.29
C LYS B 90 15.52 -8.78 4.37
N LYS B 91 15.69 -8.40 3.11
N LYS B 91 15.65 -8.43 3.09
CA LYS B 91 16.35 -9.27 2.13
CA LYS B 91 16.34 -9.32 2.15
C LYS B 91 17.84 -9.07 2.32
C LYS B 91 17.83 -9.08 2.31
N LEU B 92 18.54 -10.13 2.70
CA LEU B 92 19.96 -10.05 2.93
C LEU B 92 20.70 -10.27 1.61
N ASP B 93 21.95 -9.89 1.62
CA ASP B 93 22.83 -10.07 0.46
C ASP B 93 22.96 -11.56 0.03
N ASP B 94 22.77 -12.52 0.95
CA ASP B 94 22.86 -13.95 0.61
C ASP B 94 21.54 -14.57 0.12
N GLY B 95 20.54 -13.72 -0.12
CA GLY B 95 19.22 -14.16 -0.62
C GLY B 95 18.20 -14.51 0.46
N GLU B 96 18.70 -14.70 1.69
CA GLU B 96 17.84 -15.07 2.78
C GLU B 96 17.03 -13.86 3.29
N ILE B 97 15.84 -14.17 3.73
CA ILE B 97 14.94 -13.16 4.31
C ILE B 97 15.03 -13.25 5.85
N LEU B 98 15.56 -12.18 6.44
CA LEU B 98 15.71 -12.08 7.89
C LEU B 98 14.47 -11.44 8.51
N GLY B 99 13.98 -12.03 9.59
CA GLY B 99 12.87 -11.48 10.37
C GLY B 99 13.36 -10.89 11.68
N ASP B 100 12.95 -9.67 11.95
CA ASP B 100 13.32 -8.92 13.15
C ASP B 100 12.07 -8.35 13.77
N ASN B 101 12.22 -7.88 15.00
CA ASN B 101 11.14 -7.22 15.69
C ASN B 101 11.68 -5.96 16.33
N THR B 102 11.26 -4.81 15.81
CA THR B 102 11.73 -3.52 16.28
C THR B 102 10.71 -2.78 17.15
N ASP B 103 9.56 -3.38 17.40
CA ASP B 103 8.52 -2.74 18.18
C ASP B 103 8.97 -2.42 19.62
N GLY B 104 9.59 -3.39 20.28
CA GLY B 104 10.05 -3.17 21.64
C GLY B 104 11.09 -2.08 21.75
N GLU B 105 12.08 -2.15 20.88
CA GLU B 105 13.10 -1.14 20.86
C GLU B 105 12.50 0.22 20.57
N GLY B 106 11.52 0.28 19.65
CA GLY B 106 10.86 1.53 19.31
C GLY B 106 10.16 2.15 20.51
N LEU B 107 9.46 1.30 21.26
CA LEU B 107 8.78 1.76 22.46
C LEU B 107 9.78 2.30 23.47
N VAL B 108 10.82 1.52 23.74
CA VAL B 108 11.84 1.93 24.70
C VAL B 108 12.47 3.24 24.30
N GLN B 109 12.85 3.38 23.02
CA GLN B 109 13.50 4.63 22.59
C GLN B 109 12.55 5.82 22.68
N ASP B 110 11.27 5.59 22.44
CA ASP B 110 10.30 6.68 22.61
C ASP B 110 10.20 7.13 24.08
N LEU B 111 10.03 6.16 24.96
CA LEU B 111 9.96 6.44 26.37
C LEU B 111 11.20 7.19 26.84
N LEU B 112 12.36 6.70 26.45
CA LEU B 112 13.61 7.31 26.88
C LEU B 112 13.81 8.72 26.32
N ALA B 113 13.49 8.90 25.05
CA ALA B 113 13.63 10.23 24.42
C ALA B 113 12.69 11.26 25.02
N GLN B 114 11.50 10.80 25.39
CA GLN B 114 10.49 11.64 26.06
C GLN B 114 10.80 11.83 27.54
N GLN B 115 11.93 11.30 27.97
CA GLN B 115 12.45 11.51 29.32
C GLN B 115 11.64 10.88 30.43
N VAL B 116 11.11 9.71 30.11
CA VAL B 116 10.52 8.83 31.11
C VAL B 116 11.71 8.03 31.67
N LEU B 117 11.82 8.07 32.99
CA LEU B 117 12.88 7.37 33.70
C LEU B 117 12.43 5.92 33.96
N LEU B 118 12.95 5.01 33.14
CA LEU B 118 12.64 3.58 33.23
C LEU B 118 13.52 2.89 34.25
N LYS B 119 14.77 3.32 34.32
CA LYS B 119 15.68 2.73 35.34
C LYS B 119 15.11 2.98 36.71
N GLY B 120 14.98 1.89 37.48
CA GLY B 120 14.45 1.99 38.83
C GLY B 120 12.96 2.24 38.95
N ALA B 121 12.23 2.17 37.82
CA ALA B 121 10.81 2.41 37.85
C ALA B 121 10.00 1.14 38.11
N THR B 122 8.83 1.30 38.73
CA THR B 122 7.85 0.20 38.76
C THR B 122 6.94 0.42 37.54
N ILE B 123 6.86 -0.63 36.72
CA ILE B 123 6.14 -0.58 35.46
C ILE B 123 5.01 -1.60 35.47
N LEU B 124 3.82 -1.13 35.07
CA LEU B 124 2.66 -1.99 34.88
C LEU B 124 2.41 -2.08 33.37
N LEU B 125 2.45 -3.29 32.82
CA LEU B 125 2.19 -3.55 31.42
C LEU B 125 0.82 -4.23 31.32
N ILE B 126 -0.13 -3.54 30.69
CA ILE B 126 -1.51 -4.03 30.56
C ILE B 126 -1.65 -4.69 29.21
N GLY B 127 -1.96 -5.98 29.28
CA GLY B 127 -2.07 -6.84 28.16
C GLY B 127 -0.92 -7.83 28.12
N ALA B 128 -1.21 -9.05 27.67
CA ALA B 128 -0.20 -10.12 27.54
C ALA B 128 -0.26 -10.78 26.17
N GLY B 129 -0.74 -10.01 25.18
CA GLY B 129 -0.79 -10.43 23.80
C GLY B 129 0.53 -10.21 23.07
N GLY B 130 0.49 -10.26 21.75
CA GLY B 130 1.71 -10.10 20.99
C GLY B 130 2.40 -8.77 21.17
N ALA B 131 1.59 -7.73 21.30
CA ALA B 131 2.14 -6.39 21.48
C ALA B 131 2.96 -6.33 22.78
N ALA B 132 2.40 -6.86 23.86
CA ALA B 132 3.13 -6.88 25.14
C ALA B 132 4.38 -7.74 25.05
N ARG B 133 4.24 -8.90 24.44
CA ARG B 133 5.35 -9.83 24.34
C ARG B 133 6.54 -9.23 23.61
N GLY B 134 6.24 -8.43 22.58
CA GLY B 134 7.30 -7.81 21.78
C GLY B 134 8.03 -6.66 22.42
N VAL B 135 7.53 -6.16 23.55
CA VAL B 135 8.19 -5.05 24.24
C VAL B 135 8.78 -5.44 25.58
N LEU B 136 8.48 -6.64 26.07
CA LEU B 136 8.83 -6.98 27.44
C LEU B 136 10.33 -7.08 27.71
N LYS B 137 11.08 -7.80 26.87
CA LYS B 137 12.53 -7.90 27.13
C LYS B 137 13.27 -6.55 26.98
N PRO B 138 12.95 -5.78 25.92
CA PRO B 138 13.56 -4.47 25.81
C PRO B 138 13.30 -3.59 27.04
N LEU B 139 12.10 -3.64 27.59
CA LEU B 139 11.82 -2.90 28.82
C LEU B 139 12.67 -3.41 29.98
N LEU B 140 12.76 -4.73 30.14
N LEU B 140 12.74 -4.74 30.09
CA LEU B 140 13.56 -5.30 31.25
CA LEU B 140 13.47 -5.43 31.16
C LEU B 140 15.02 -4.89 31.14
C LEU B 140 14.98 -5.06 31.12
N ASP B 141 15.50 -4.79 29.93
CA ASP B 141 16.87 -4.39 29.71
C ASP B 141 17.21 -2.98 30.20
N GLN B 142 16.20 -2.18 30.51
CA GLN B 142 16.43 -0.82 31.03
C GLN B 142 16.57 -0.80 32.54
N GLN B 143 16.54 -1.97 33.14
CA GLN B 143 16.69 -2.11 34.60
C GLN B 143 15.64 -1.42 35.45
N PRO B 144 14.36 -1.65 35.13
CA PRO B 144 13.34 -1.14 35.99
C PRO B 144 13.38 -1.83 37.36
N ALA B 145 12.78 -1.21 38.36
CA ALA B 145 12.63 -1.88 39.65
C ALA B 145 11.82 -3.17 39.45
N SER B 146 10.76 -3.09 38.65
CA SER B 146 9.93 -4.25 38.37
C SER B 146 9.03 -3.98 37.20
N ILE B 147 8.58 -5.07 36.59
CA ILE B 147 7.52 -5.04 35.58
C ILE B 147 6.46 -6.03 36.06
N THR B 148 5.25 -5.56 36.10
CA THR B 148 4.08 -6.38 36.43
C THR B 148 3.28 -6.48 35.15
N VAL B 149 3.07 -7.72 34.67
CA VAL B 149 2.26 -8.00 33.50
C VAL B 149 0.86 -8.41 33.96
N THR B 150 -0.16 -7.81 33.33
CA THR B 150 -1.55 -8.16 33.63
C THR B 150 -2.29 -8.36 32.32
N ASN B 151 -3.38 -9.11 32.36
CA ASN B 151 -4.15 -9.38 31.15
C ASN B 151 -5.55 -9.78 31.56
N ARG B 152 -6.53 -9.51 30.72
CA ARG B 152 -7.94 -9.83 31.05
C ARG B 152 -8.06 -11.32 31.41
N THR B 153 -7.28 -12.13 30.70
N THR B 153 -7.33 -12.17 30.70
CA THR B 153 -7.15 -13.58 30.90
CA THR B 153 -7.26 -13.61 31.03
C THR B 153 -5.81 -13.75 31.63
C THR B 153 -5.86 -13.86 31.60
N PHE B 154 -5.84 -14.17 32.89
CA PHE B 154 -4.60 -14.29 33.67
C PHE B 154 -3.57 -15.25 33.12
N ALA B 155 -4.01 -16.37 32.56
CA ALA B 155 -3.05 -17.38 32.15
C ALA B 155 -2.01 -16.84 31.15
N LYS B 156 -2.44 -15.97 30.26
CA LYS B 156 -1.51 -15.40 29.28
C LYS B 156 -0.45 -14.51 29.93
N ALA B 157 -0.82 -13.78 30.97
CA ALA B 157 0.12 -12.95 31.73
C ALA B 157 1.18 -13.82 32.43
N GLU B 158 0.73 -14.89 33.05
N GLU B 158 0.69 -14.90 33.02
CA GLU B 158 1.68 -15.81 33.71
CA GLU B 158 1.57 -15.86 33.70
C GLU B 158 2.65 -16.41 32.69
C GLU B 158 2.60 -16.44 32.72
N GLN B 159 2.12 -16.83 31.55
CA GLN B 159 2.97 -17.40 30.47
C GLN B 159 4.04 -16.41 30.02
N LEU B 160 3.63 -15.16 29.86
CA LEU B 160 4.55 -14.12 29.44
C LEU B 160 5.62 -13.82 30.49
N ALA B 161 5.22 -13.78 31.77
CA ALA B 161 6.18 -13.54 32.84
C ALA B 161 7.21 -14.69 32.89
N GLU B 162 6.74 -15.92 32.71
CA GLU B 162 7.63 -17.09 32.70
C GLU B 162 8.62 -17.07 31.54
N LEU B 163 8.16 -16.60 30.38
CA LEU B 163 9.02 -16.52 29.21
C LEU B 163 10.32 -15.69 29.42
N VAL B 164 10.22 -14.60 30.18
CA VAL B 164 11.30 -13.57 30.37
C VAL B 164 11.87 -13.42 31.79
N ALA B 165 11.67 -14.45 32.59
CA ALA B 165 12.13 -14.44 34.00
C ALA B 165 13.61 -14.16 34.17
N ALA B 166 14.41 -14.63 33.22
CA ALA B 166 15.86 -14.49 33.26
C ALA B 166 16.39 -13.07 33.02
N TYR B 167 15.54 -12.18 32.54
CA TYR B 167 16.00 -10.85 32.14
C TYR B 167 15.72 -9.71 33.11
N GLY B 168 15.04 -10.01 34.20
CA GLY B 168 14.74 -9.01 35.21
C GLY B 168 13.62 -9.33 36.18
N GLU B 169 13.17 -8.30 36.90
CA GLU B 169 12.13 -8.45 37.93
C GLU B 169 10.76 -8.36 37.23
N VAL B 170 10.14 -9.52 36.96
CA VAL B 170 8.77 -9.63 36.24
C VAL B 170 7.70 -10.54 36.91
N LYS B 171 6.58 -9.93 37.22
CA LYS B 171 5.48 -10.54 37.96
C LYS B 171 4.23 -10.54 37.10
N ALA B 172 3.36 -11.52 37.33
CA ALA B 172 2.06 -11.58 36.67
C ALA B 172 1.00 -11.41 37.74
N GLN B 173 0.03 -10.57 37.45
N GLN B 173 0.02 -10.57 37.44
CA GLN B 173 -1.10 -10.31 38.36
CA GLN B 173 -1.10 -10.34 38.33
C GLN B 173 -2.39 -10.22 37.59
C GLN B 173 -2.41 -10.21 37.57
N ALA B 174 -3.49 -10.66 38.20
CA ALA B 174 -4.81 -10.51 37.61
C ALA B 174 -5.21 -9.05 37.73
N PHE B 175 -6.11 -8.59 36.85
CA PHE B 175 -6.60 -7.25 36.95
C PHE B 175 -7.01 -6.84 38.37
N GLU B 176 -7.72 -7.76 39.05
CA GLU B 176 -8.32 -7.46 40.35
C GLU B 176 -7.36 -7.50 41.52
N GLN B 177 -6.16 -7.94 41.24
CA GLN B 177 -5.09 -7.95 42.25
C GLN B 177 -4.33 -6.62 42.29
N LEU B 178 -4.54 -5.76 41.29
CA LEU B 178 -3.85 -4.49 41.20
C LEU B 178 -4.44 -3.56 42.23
N LYS B 179 -3.62 -3.16 43.19
N LYS B 179 -3.60 -3.21 43.19
CA LYS B 179 -4.12 -2.34 44.32
CA LYS B 179 -4.03 -2.46 44.38
C LYS B 179 -3.25 -1.17 44.72
C LYS B 179 -3.15 -1.29 44.80
N GLN B 180 -2.25 -0.89 43.93
CA GLN B 180 -1.35 0.18 44.21
C GLN B 180 -0.95 0.84 42.92
N SER B 181 -0.31 1.97 43.07
CA SER B 181 0.07 2.80 41.94
C SER B 181 1.49 2.46 41.48
N TYR B 182 1.75 2.82 40.23
CA TYR B 182 3.00 2.52 39.54
C TYR B 182 3.65 3.79 38.98
N ASP B 183 4.97 3.74 38.79
CA ASP B 183 5.66 4.87 38.17
C ASP B 183 5.25 5.02 36.69
N VAL B 184 5.16 3.89 35.99
CA VAL B 184 4.87 3.88 34.56
C VAL B 184 3.83 2.82 34.29
N ILE B 185 2.81 3.19 33.52
N ILE B 185 2.80 3.20 33.53
CA ILE B 185 1.71 2.30 33.14
CA ILE B 185 1.68 2.31 33.14
C ILE B 185 1.67 2.30 31.62
C ILE B 185 1.60 2.31 31.63
N ILE B 186 1.79 1.14 31.04
CA ILE B 186 1.78 0.97 29.58
C ILE B 186 0.62 0.12 29.14
N ASN B 187 -0.24 0.70 28.29
CA ASN B 187 -1.36 -0.04 27.73
C ASN B 187 -0.98 -0.62 26.38
N SER B 188 -1.00 -1.94 26.27
CA SER B 188 -0.62 -2.62 25.02
C SER B 188 -1.82 -3.19 24.31
N THR B 189 -3.00 -3.00 24.87
CA THR B 189 -4.21 -3.58 24.30
C THR B 189 -4.78 -2.63 23.24
N SER B 190 -5.36 -3.20 22.19
CA SER B 190 -5.92 -2.35 21.12
C SER B 190 -7.36 -1.94 21.44
N GLY B 195 -14.54 3.20 23.34
CA GLY B 195 -13.84 2.68 24.50
C GLY B 195 -14.51 1.63 25.36
N GLU B 196 -13.80 0.52 25.54
CA GLU B 196 -14.14 -0.45 26.57
C GLU B 196 -12.81 -0.63 27.27
N LEU B 197 -12.64 0.20 28.27
CA LEU B 197 -11.45 0.24 29.11
C LEU B 197 -11.26 -1.06 29.90
N PRO B 198 -10.04 -1.33 30.33
CA PRO B 198 -9.88 -2.52 31.15
C PRO B 198 -10.49 -2.32 32.50
N ALA B 199 -11.06 -3.39 33.05
CA ALA B 199 -11.71 -3.31 34.33
C ALA B 199 -10.70 -3.49 35.48
N ILE B 200 -9.95 -2.41 35.70
CA ILE B 200 -8.90 -2.31 36.69
C ILE B 200 -9.18 -1.13 37.61
N ASP B 201 -8.87 -1.27 38.89
CA ASP B 201 -9.03 -0.21 39.89
C ASP B 201 -8.14 0.95 39.49
N PRO B 202 -8.69 2.16 39.33
CA PRO B 202 -7.87 3.31 38.94
C PRO B 202 -6.87 3.78 40.00
N VAL B 203 -6.84 3.08 41.14
CA VAL B 203 -5.79 3.28 42.13
C VAL B 203 -4.41 3.12 41.48
N ILE B 204 -4.34 2.40 40.35
CA ILE B 204 -3.05 2.25 39.66
C ILE B 204 -2.40 3.57 39.25
N PHE B 205 -3.22 4.60 39.06
CA PHE B 205 -2.72 5.90 38.64
C PHE B 205 -2.45 6.83 39.82
N SER B 206 -1.21 7.23 39.97
CA SER B 206 -0.80 8.27 40.90
C SER B 206 -0.67 9.57 40.12
N SER B 207 -0.69 10.69 40.85
CA SER B 207 -0.39 11.98 40.25
C SER B 207 1.06 12.06 39.76
N ARG B 208 1.88 11.08 40.13
N ARG B 208 1.88 11.06 40.13
CA ARG B 208 3.26 10.99 39.68
CA ARG B 208 3.26 10.99 39.69
C ARG B 208 3.49 9.85 38.69
C ARG B 208 3.48 9.91 38.63
N SER B 209 2.41 9.26 38.20
CA SER B 209 2.53 8.19 37.22
C SER B 209 2.63 8.73 35.82
N VAL B 210 3.43 8.11 35.00
CA VAL B 210 3.46 8.35 33.58
C VAL B 210 2.67 7.21 32.94
N CYS B 211 1.77 7.56 32.04
N CYS B 211 1.74 7.56 32.06
CA CYS B 211 0.99 6.59 31.33
CA CYS B 211 0.87 6.62 31.33
C CYS B 211 1.38 6.68 29.88
C CYS B 211 1.17 6.67 29.85
N TYR B 212 1.41 5.51 29.25
CA TYR B 212 1.78 5.38 27.85
C TYR B 212 0.81 4.41 27.18
N ASP B 213 0.13 4.88 26.13
CA ASP B 213 -0.79 4.05 25.36
C ASP B 213 -0.12 3.75 24.03
N MET B 214 -0.08 2.49 23.63
CA MET B 214 0.46 2.14 22.31
C MET B 214 -0.46 2.63 21.18
N MET B 215 -1.72 2.87 21.51
CA MET B 215 -2.66 3.46 20.57
C MET B 215 -2.41 4.93 20.41
N TYR B 216 -2.83 5.48 19.28
CA TYR B 216 -2.67 6.91 19.03
C TYR B 216 -3.75 7.38 18.09
N GLY B 217 -3.95 8.67 18.10
CA GLY B 217 -4.89 9.31 17.16
C GLY B 217 -5.06 10.76 17.58
N LYS B 218 -6.06 11.41 16.96
CA LYS B 218 -6.37 12.77 17.28
C LYS B 218 -6.90 12.86 18.72
N GLY B 219 -6.46 13.86 19.43
CA GLY B 219 -6.90 14.06 20.79
C GLY B 219 -6.37 12.94 21.68
N TYR B 220 -7.06 12.71 22.78
CA TYR B 220 -6.69 11.70 23.77
C TYR B 220 -7.33 10.33 23.45
N THR B 221 -6.55 9.26 23.57
CA THR B 221 -7.13 7.94 23.39
C THR B 221 -8.05 7.67 24.56
N VAL B 222 -8.94 6.70 24.46
N VAL B 222 -8.88 6.66 24.40
CA VAL B 222 -9.83 6.46 25.60
CA VAL B 222 -9.82 6.26 25.46
C VAL B 222 -9.03 6.03 26.84
C VAL B 222 -9.07 5.98 26.77
N PHE B 223 -7.98 5.25 26.65
CA PHE B 223 -7.16 4.88 27.80
C PHE B 223 -6.51 6.10 28.45
N ASN B 224 -5.93 6.96 27.62
CA ASN B 224 -5.30 8.19 28.16
C ASN B 224 -6.29 9.15 28.79
N GLN B 225 -7.51 9.22 28.25
CA GLN B 225 -8.57 9.99 28.88
C GLN B 225 -8.86 9.48 30.30
N TRP B 226 -8.92 8.16 30.43
CA TRP B 226 -9.16 7.53 31.75
C TRP B 226 -8.03 7.81 32.72
N ALA B 227 -6.80 7.68 32.24
CA ALA B 227 -5.62 7.97 33.06
C ALA B 227 -5.67 9.41 33.53
N ARG B 228 -6.01 10.33 32.62
CA ARG B 228 -6.03 11.74 32.98
C ARG B 228 -7.11 12.06 34.00
N GLN B 229 -8.25 11.41 33.87
N GLN B 229 -8.24 11.40 33.86
CA GLN B 229 -9.35 11.63 34.82
CA GLN B 229 -9.37 11.59 34.77
C GLN B 229 -8.87 11.26 36.22
C GLN B 229 -9.06 11.07 36.18
N HIS B 230 -7.99 10.28 36.28
CA HIS B 230 -7.48 9.78 37.56
C HIS B 230 -6.13 10.31 38.00
N GLY B 231 -5.80 11.49 37.49
CA GLY B 231 -4.66 12.29 37.92
C GLY B 231 -3.28 12.07 37.38
N CYS B 232 -3.15 11.14 36.44
N CYS B 232 -3.19 11.19 36.39
CA CYS B 232 -1.80 10.79 36.00
CA CYS B 232 -1.90 10.87 35.77
C CYS B 232 -0.94 12.01 35.68
C CYS B 232 -0.92 12.06 35.57
N ALA B 233 0.34 11.86 35.96
CA ALA B 233 1.35 12.90 35.77
C ALA B 233 1.34 13.42 34.30
N GLN B 234 1.53 12.48 33.37
N GLN B 234 1.53 12.48 33.38
CA GLN B 234 1.61 12.77 31.94
CA GLN B 234 1.51 12.78 31.97
C GLN B 234 1.12 11.53 31.18
C GLN B 234 1.03 11.52 31.25
N ALA B 235 0.33 11.74 30.14
CA ALA B 235 -0.26 10.65 29.36
C ALA B 235 0.18 10.84 27.93
N ILE B 236 0.94 9.87 27.45
CA ILE B 236 1.57 9.84 26.16
C ILE B 236 0.97 8.75 25.28
N ASP B 237 0.78 9.05 24.01
CA ASP B 237 0.24 8.07 23.07
C ASP B 237 1.37 7.38 22.28
N GLY B 238 0.99 6.49 21.39
CA GLY B 238 1.94 5.65 20.71
C GLY B 238 2.57 6.18 19.44
N LEU B 239 2.32 7.42 19.12
CA LEU B 239 2.86 7.97 17.88
C LEU B 239 4.38 7.86 17.84
N GLY B 240 5.01 8.14 18.98
CA GLY B 240 6.46 8.02 19.10
C GLY B 240 7.00 6.61 19.01
N MET B 241 6.19 5.65 19.44
CA MET B 241 6.57 4.24 19.28
C MET B 241 6.59 3.87 17.78
N LEU B 242 5.59 4.35 17.07
CA LEU B 242 5.55 4.13 15.62
C LEU B 242 6.81 4.70 14.97
N VAL B 243 7.13 5.94 15.30
CA VAL B 243 8.30 6.53 14.71
C VAL B 243 9.60 5.84 15.16
N GLY B 244 9.65 5.48 16.44
CA GLY B 244 10.80 4.80 16.98
C GLY B 244 11.07 3.44 16.38
N GLN B 245 10.02 2.64 16.27
CA GLN B 245 10.18 1.31 15.67
C GLN B 245 10.62 1.47 14.20
N ALA B 246 10.04 2.48 13.54
CA ALA B 246 10.41 2.77 12.15
C ALA B 246 11.92 3.07 12.01
N ALA B 247 12.45 3.89 12.92
CA ALA B 247 13.86 4.24 12.92
C ALA B 247 14.75 3.01 13.08
N GLU B 248 14.34 2.09 13.94
CA GLU B 248 15.11 0.86 14.14
C GLU B 248 15.05 -0.01 12.91
N SER B 249 13.89 -0.09 12.27
CA SER B 249 13.78 -0.86 11.04
C SER B 249 14.73 -0.28 9.98
N PHE B 250 14.69 1.04 9.86
CA PHE B 250 15.49 1.76 8.89
C PHE B 250 16.98 1.48 9.13
N MET B 251 17.39 1.50 10.39
N MET B 251 17.38 1.50 10.40
CA MET B 251 18.79 1.20 10.70
CA MET B 251 18.75 1.17 10.81
C MET B 251 19.14 -0.24 10.30
C MET B 251 19.13 -0.22 10.33
N LEU B 252 18.24 -1.18 10.53
CA LEU B 252 18.48 -2.54 10.11
C LEU B 252 18.68 -2.59 8.59
N TRP B 253 17.77 -1.94 7.88
CA TRP B 253 17.81 -1.99 6.42
C TRP B 253 19.00 -1.29 5.78
N ARG B 254 19.30 -0.10 6.30
CA ARG B 254 20.24 0.82 5.64
C ARG B 254 21.55 1.03 6.37
N GLY B 255 21.61 0.65 7.64
CA GLY B 255 22.87 0.69 8.39
C GLY B 255 23.22 1.96 9.10
N LEU B 256 22.27 2.89 9.11
CA LEU B 256 22.44 4.14 9.82
C LEU B 256 21.10 4.54 10.48
N ARG B 257 21.21 5.13 11.67
N ARG B 257 21.25 5.31 11.55
CA ARG B 257 20.02 5.54 12.42
CA ARG B 257 20.15 5.70 12.43
C ARG B 257 19.63 6.97 11.97
C ARG B 257 19.56 7.08 12.18
N PRO B 258 18.34 7.13 11.59
CA PRO B 258 17.84 8.45 11.25
C PRO B 258 17.27 9.16 12.45
N GLY B 259 17.31 10.47 12.39
CA GLY B 259 16.67 11.33 13.36
C GLY B 259 15.16 11.34 13.19
N THR B 260 14.47 11.52 14.31
CA THR B 260 13.02 11.41 14.34
C THR B 260 12.27 12.70 14.66
N LYS B 261 12.99 13.76 14.96
CA LYS B 261 12.37 15.00 15.49
C LYS B 261 11.43 15.70 14.51
N GLN B 262 11.89 15.92 13.29
CA GLN B 262 11.00 16.57 12.33
C GLN B 262 9.74 15.70 12.06
N ILE B 263 9.95 14.42 11.88
CA ILE B 263 8.88 13.48 11.60
C ILE B 263 7.81 13.49 12.70
N LEU B 264 8.24 13.41 13.96
CA LEU B 264 7.28 13.35 15.07
C LEU B 264 6.47 14.64 15.15
N ARG B 265 7.16 15.76 14.99
CA ARG B 265 6.50 17.06 15.03
C ARG B 265 5.44 17.20 13.93
N GLU B 266 5.80 16.78 12.71
CA GLU B 266 4.89 16.88 11.57
C GLU B 266 3.73 15.89 11.67
N LEU B 267 4.00 14.66 12.09
CA LEU B 267 2.90 13.70 12.25
C LEU B 267 1.93 14.17 13.31
N ARG B 268 2.46 14.71 14.39
CA ARG B 268 1.58 15.18 15.47
C ARG B 268 0.68 16.32 14.98
N LYS B 269 1.28 17.25 14.26
CA LYS B 269 0.57 18.36 13.65
C LYS B 269 -0.54 17.85 12.74
N ASN B 270 -0.20 16.87 11.91
CA ASN B 270 -1.18 16.34 10.98
C ASN B 270 -2.33 15.59 11.64
N LEU B 271 -2.05 14.86 12.70
CA LEU B 271 -3.11 14.18 13.45
C LEU B 271 -4.15 15.14 13.98
N GLU B 272 -3.70 16.32 14.37
CA GLU B 272 -4.55 17.32 15.00
C GLU B 272 -5.25 18.23 14.01
N GLY B 273 -4.71 18.23 12.79
CA GLY B 273 -5.31 19.00 11.70
C GLY B 273 -6.58 18.29 11.25
NA NA C . 7.60 21.34 -8.35
S SO4 D . -6.65 -3.05 -14.04
O1 SO4 D . -7.63 -3.93 -13.46
O2 SO4 D . -7.15 -2.55 -15.31
O3 SO4 D . -6.42 -1.90 -13.14
O4 SO4 D . -5.35 -3.74 -14.24
S SO4 E . -14.98 -4.47 -14.76
O1 SO4 E . -16.42 -4.43 -14.30
O2 SO4 E . -14.89 -3.42 -15.76
O3 SO4 E . -14.14 -4.24 -13.64
O4 SO4 E . -14.64 -5.76 -15.35
S SO4 F . 7.52 12.44 -20.04
O1 SO4 F . 6.37 13.21 -19.56
O2 SO4 F . 7.99 12.95 -21.33
O3 SO4 F . 8.59 12.50 -19.08
O4 SO4 F . 7.09 11.06 -20.18
N1 EPE G . -10.01 14.80 -23.29
C2 EPE G . -8.98 13.76 -23.17
C3 EPE G . -7.64 14.33 -23.62
N4 EPE G . -7.70 14.77 -25.01
C5 EPE G . -8.76 15.76 -25.15
C6 EPE G . -10.09 15.18 -24.70
C7 EPE G . -6.43 15.33 -25.41
C8 EPE G . -5.30 14.31 -25.35
O8 EPE G . -5.65 13.17 -26.08
C9 EPE G . -11.36 14.34 -22.90
C10 EPE G . -11.35 13.49 -21.65
S EPE G . -12.99 13.36 -20.87
O1S EPE G . -12.63 13.35 -19.44
O2S EPE G . -13.69 12.19 -21.25
O3S EPE G . -13.80 14.53 -21.21
NA NA H . 10.74 -19.74 8.46
S SO4 I . -0.39 -10.63 14.80
O1 SO4 I . -1.82 -10.88 15.05
O2 SO4 I . -0.19 -9.59 13.80
O3 SO4 I . 0.44 -10.40 15.96
O4 SO4 I . 0.11 -11.89 14.21
#